data_1FDL
#
_entry.id   1FDL
#
_cell.length_a   56.000
_cell.length_b   143.500
_cell.length_c   49.300
_cell.angle_alpha   90.00
_cell.angle_beta   120.40
_cell.angle_gamma   90.00
#
_symmetry.space_group_name_H-M   'P 1 21 1'
#
loop_
_entity.id
_entity.type
_entity.pdbx_description
1 polymer 'IGG1-KAPPA D1.3 FAB (LIGHT CHAIN)'
2 polymer 'IGG1-KAPPA D1.3 FAB (HEAVY CHAIN)'
3 polymer 'HEN EGG WHITE LYSOZYME'
#
loop_
_entity_poly.entity_id
_entity_poly.type
_entity_poly.pdbx_seq_one_letter_code
_entity_poly.pdbx_strand_id
1 'polypeptide(L)'
;DIQMTQSPASLSASVGETVTITCRASGNIHNYLAWYQQKQGKSPQLLVYYTTTLADGVPSRFSGSGSGTQYSLKINSLQP
EDFGSYYCQHFWSTPRTFGGGTKLEIKRADAAPTVSIFPPSSEQLTSGGASVVCFLNNFYPKDINVKWKIDGSERQNGVL
NSWTDQDSKDSTYSMSSTLTLTKDEYERHNSYTCEATHKTSTSPIVKSFNRNEC
;
L
2 'polypeptide(L)'
;QVQLKESGPGLVAPSQSLSITCTVSGFSLTGYGVNWVRQPPGKGLEWLGMIWGDGNTDYNSALKSRLSISKDNSKSQVFL
KMNSLHTDDTARYYCARERDYRLDYWGQGTTLTVSSASTTPPSVFPLAPGSAAQTNSMVTLGCLVKGYFPEPVTVTWNSG
SLSSGVHTFPAVLQSDLYTLSSSVTVPSSPRPSETVTCNVAHPASSTKVDKKIVPRDC
;
H
3 'polypeptide(L)'
;KVFGRCELAAAMKRHGLDNYRGYSLGNWVCAAKFESNFNTQATNRNTDGSTDYGILQINSRWWCNDGRTPGSRNLCNIPC
SALLSSDITASVNCAKKIVSDGNGMNAWVAWRNRCKGTDVQAWIRGCRL
;
Y
#
# COMPACT_ATOMS: atom_id res chain seq x y z
N ASP A 1 5.03 -16.15 15.08
CA ASP A 1 5.88 -15.17 14.46
C ASP A 1 5.44 -13.89 15.15
N ILE A 2 6.04 -12.73 14.87
CA ILE A 2 5.69 -11.48 15.54
C ILE A 2 4.60 -10.74 14.78
N GLN A 3 3.52 -10.34 15.45
CA GLN A 3 2.47 -9.57 14.80
C GLN A 3 2.54 -8.11 15.25
N MET A 4 2.07 -7.20 14.42
CA MET A 4 2.14 -5.78 14.67
C MET A 4 0.72 -5.34 14.86
N THR A 5 0.47 -4.56 15.88
CA THR A 5 -0.86 -4.04 16.16
C THR A 5 -0.81 -2.53 16.00
N GLN A 6 -1.24 -2.03 14.84
CA GLN A 6 -1.25 -0.61 14.55
C GLN A 6 -2.48 0.02 15.14
N SER A 7 -2.38 1.22 15.62
CA SER A 7 -3.49 1.92 16.21
C SER A 7 -3.31 3.41 15.91
N PRO A 8 -4.30 4.29 15.70
CA PRO A 8 -5.70 3.95 15.48
C PRO A 8 -5.86 3.49 14.03
N ALA A 9 -7.04 2.95 13.68
CA ALA A 9 -7.33 2.51 12.32
C ALA A 9 -7.51 3.64 11.30
N SER A 10 -8.15 4.69 11.78
CA SER A 10 -8.46 5.82 10.95
C SER A 10 -8.31 7.04 11.85
N LEU A 11 -8.03 8.20 11.29
CA LEU A 11 -7.84 9.36 12.13
C LEU A 11 -8.18 10.54 11.28
N SER A 12 -8.96 11.42 11.90
CA SER A 12 -9.33 12.69 11.29
C SER A 12 -8.48 13.76 11.97
N ALA A 13 -7.82 14.63 11.20
CA ALA A 13 -7.08 15.75 11.75
C ALA A 13 -7.05 16.87 10.71
N SER A 14 -6.99 18.11 11.19
CA SER A 14 -6.93 19.29 10.35
C SER A 14 -5.50 19.56 9.88
N VAL A 15 -5.28 20.19 8.72
CA VAL A 15 -3.94 20.56 8.30
C VAL A 15 -3.38 21.42 9.41
N GLY A 16 -2.10 21.20 9.68
CA GLY A 16 -1.41 21.94 10.73
C GLY A 16 -1.44 21.21 12.07
N GLU A 17 -2.35 20.25 12.26
CA GLU A 17 -2.37 19.45 13.47
C GLU A 17 -1.15 18.50 13.54
N THR A 18 -0.89 17.98 14.73
CA THR A 18 0.20 17.04 14.93
C THR A 18 -0.41 15.71 15.40
N VAL A 19 -0.24 14.69 14.59
CA VAL A 19 -0.81 13.38 14.89
C VAL A 19 0.27 12.36 15.26
N THR A 20 -0.11 11.32 15.98
CA THR A 20 0.81 10.27 16.37
C THR A 20 0.20 8.87 16.14
N ILE A 21 0.87 8.04 15.35
CA ILE A 21 0.45 6.68 15.02
C ILE A 21 1.29 5.72 15.87
N THR A 22 0.76 4.54 16.17
CA THR A 22 1.41 3.58 17.04
C THR A 22 1.47 2.15 16.51
N CYS A 23 2.61 1.46 16.57
CA CYS A 23 2.65 0.04 16.26
C CYS A 23 3.17 -0.65 17.49
N ARG A 24 2.56 -1.77 17.85
CA ARG A 24 2.95 -2.54 19.01
C ARG A 24 3.26 -3.95 18.52
N ALA A 25 4.39 -4.48 18.96
CA ALA A 25 4.87 -5.77 18.52
C ALA A 25 4.64 -6.84 19.59
N SER A 26 4.35 -8.07 19.18
CA SER A 26 4.20 -9.19 20.12
C SER A 26 5.54 -9.69 20.66
N GLY A 27 6.63 -9.16 20.14
CA GLY A 27 7.96 -9.50 20.58
C GLY A 27 8.85 -8.28 20.42
N ASN A 28 10.03 -8.37 21.02
CA ASN A 28 11.01 -7.30 20.92
C ASN A 28 11.46 -7.46 19.49
N ILE A 29 11.38 -6.39 18.70
CA ILE A 29 11.84 -6.42 17.31
C ILE A 29 13.11 -5.60 17.12
N HIS A 30 13.57 -5.06 18.25
CA HIS A 30 14.86 -4.45 18.32
C HIS A 30 15.10 -3.34 17.30
N ASN A 31 14.19 -2.38 17.25
CA ASN A 31 14.25 -1.25 16.35
C ASN A 31 14.33 -1.51 14.85
N TYR A 32 14.09 -2.72 14.36
CA TYR A 32 14.02 -2.95 12.93
C TYR A 32 12.57 -2.70 12.51
N LEU A 33 12.10 -1.47 12.54
CA LEU A 33 10.74 -1.14 12.16
C LEU A 33 10.84 -0.14 11.04
N ALA A 34 10.07 -0.30 9.97
CA ALA A 34 10.05 0.70 8.91
C ALA A 34 8.64 1.22 8.84
N TRP A 35 8.41 2.39 8.26
CA TRP A 35 7.08 2.99 8.13
C TRP A 35 6.96 3.37 6.67
N TYR A 36 5.81 3.10 6.06
CA TYR A 36 5.55 3.38 4.63
C TYR A 36 4.30 4.24 4.57
N GLN A 37 4.30 5.12 3.58
CA GLN A 37 3.14 5.94 3.34
C GLN A 37 2.58 5.44 2.02
N GLN A 38 1.24 5.41 1.91
CA GLN A 38 0.62 5.00 0.66
C GLN A 38 -0.50 6.00 0.40
N LYS A 39 -0.33 6.70 -0.74
CA LYS A 39 -1.31 7.66 -1.23
C LYS A 39 -2.38 6.94 -2.06
N GLN A 40 -3.51 7.59 -2.38
CA GLN A 40 -4.59 6.97 -3.14
C GLN A 40 -4.07 6.25 -4.40
N GLY A 41 -4.16 4.93 -4.26
CA GLY A 41 -3.82 4.02 -5.33
C GLY A 41 -2.42 4.19 -5.88
N LYS A 42 -1.44 4.21 -4.99
CA LYS A 42 -0.05 4.31 -5.39
C LYS A 42 0.74 3.20 -4.65
N SER A 43 1.89 2.79 -5.19
CA SER A 43 2.82 1.86 -4.56
C SER A 43 3.20 2.47 -3.23
N PRO A 44 3.31 1.82 -2.06
CA PRO A 44 3.80 2.44 -0.81
C PRO A 44 5.19 3.07 -1.01
N GLN A 45 5.60 4.01 -0.15
CA GLN A 45 6.93 4.61 -0.28
C GLN A 45 7.46 4.73 1.12
N LEU A 46 8.76 4.45 1.17
CA LEU A 46 9.45 4.38 2.43
C LEU A 46 9.60 5.72 3.14
N LEU A 47 9.16 5.81 4.40
CA LEU A 47 9.38 7.01 5.18
C LEU A 47 10.52 7.01 6.21
N VAL A 48 10.41 6.15 7.22
CA VAL A 48 11.35 6.06 8.31
C VAL A 48 11.85 4.62 8.30
N TYR A 49 13.14 4.33 8.44
CA TYR A 49 13.62 2.96 8.61
C TYR A 49 14.47 2.88 9.87
N TYR A 50 14.67 1.65 10.32
CA TYR A 50 15.40 1.37 11.54
C TYR A 50 14.88 2.30 12.63
N THR A 51 13.56 2.42 12.74
CA THR A 51 12.86 3.21 13.75
C THR A 51 12.94 4.72 13.68
N THR A 52 14.04 5.36 13.29
CA THR A 52 14.17 6.82 13.38
C THR A 52 14.79 7.50 12.20
N THR A 53 15.36 6.76 11.29
CA THR A 53 16.06 7.38 10.20
C THR A 53 15.08 7.76 9.08
N LEU A 54 15.05 9.04 8.65
CA LEU A 54 14.19 9.45 7.56
C LEU A 54 14.92 9.05 6.31
N ALA A 55 14.08 8.55 5.42
CA ALA A 55 14.49 8.09 4.13
C ALA A 55 14.87 9.33 3.33
N ASP A 56 15.55 9.10 2.23
CA ASP A 56 15.99 10.16 1.35
C ASP A 56 14.80 10.90 0.78
N GLY A 57 14.87 12.20 0.97
CA GLY A 57 13.86 13.08 0.47
C GLY A 57 12.72 13.28 1.46
N VAL A 58 12.70 12.73 2.67
CA VAL A 58 11.49 12.83 3.46
C VAL A 58 11.60 14.02 4.38
N PRO A 59 10.51 14.74 4.61
CA PRO A 59 10.45 15.97 5.38
C PRO A 59 10.61 15.76 6.87
N SER A 60 11.15 16.84 7.41
CA SER A 60 11.42 16.93 8.82
C SER A 60 10.21 16.98 9.73
N ARG A 61 8.97 17.04 9.26
CA ARG A 61 7.81 17.05 10.16
C ARG A 61 7.50 15.61 10.64
N PHE A 62 8.15 14.61 10.02
CA PHE A 62 8.04 13.18 10.31
C PHE A 62 9.12 12.68 11.26
N SER A 63 8.73 12.00 12.33
CA SER A 63 9.70 11.49 13.29
C SER A 63 9.31 10.13 13.93
N GLY A 64 10.16 9.10 13.75
CA GLY A 64 9.92 7.78 14.31
C GLY A 64 10.49 7.64 15.72
N SER A 65 9.96 6.81 16.57
CA SER A 65 10.45 6.63 17.92
C SER A 65 10.13 5.22 18.36
N GLY A 66 10.70 4.77 19.47
CA GLY A 66 10.37 3.49 20.03
C GLY A 66 11.60 2.64 20.24
N SER A 67 11.34 1.52 20.90
CA SER A 67 12.35 0.55 21.21
C SER A 67 11.60 -0.68 21.69
N GLY A 68 12.12 -1.84 21.37
CA GLY A 68 11.54 -3.06 21.89
C GLY A 68 10.24 -3.43 21.22
N THR A 69 9.12 -3.09 21.85
CA THR A 69 7.78 -3.41 21.37
C THR A 69 6.90 -2.23 21.02
N GLN A 70 7.16 -1.01 21.50
CA GLN A 70 6.27 0.10 21.23
C GLN A 70 7.03 1.08 20.37
N TYR A 71 6.54 1.29 19.14
CA TYR A 71 7.11 2.22 18.21
C TYR A 71 6.02 3.21 17.85
N SER A 72 6.43 4.42 17.42
CA SER A 72 5.56 5.54 17.10
C SER A 72 6.00 6.35 15.89
N LEU A 73 5.08 6.95 15.16
CA LEU A 73 5.40 7.86 14.06
C LEU A 73 4.65 9.12 14.42
N LYS A 74 5.36 10.22 14.56
CA LYS A 74 4.77 11.48 14.88
C LYS A 74 4.90 12.26 13.61
N ILE A 75 3.83 13.02 13.31
CA ILE A 75 3.79 13.92 12.15
C ILE A 75 3.44 15.26 12.77
N ASN A 76 4.27 16.28 12.57
CA ASN A 76 3.94 17.56 13.14
C ASN A 76 3.73 18.58 12.03
N SER A 77 2.72 19.42 12.31
CA SER A 77 2.11 20.37 11.38
C SER A 77 1.85 19.82 9.99
N LEU A 78 0.79 19.01 10.08
CA LEU A 78 0.21 18.30 8.94
C LEU A 78 0.00 19.22 7.76
N GLN A 79 0.34 18.66 6.63
CA GLN A 79 0.24 19.29 5.34
C GLN A 79 -0.87 18.59 4.60
N PRO A 80 -1.40 19.10 3.49
CA PRO A 80 -2.44 18.42 2.72
C PRO A 80 -1.91 17.10 2.17
N GLU A 81 -0.64 17.13 1.76
CA GLU A 81 0.01 15.96 1.16
C GLU A 81 0.39 14.84 2.12
N ASP A 82 -0.16 14.82 3.33
CA ASP A 82 0.15 13.81 4.31
C ASP A 82 -1.06 13.00 4.66
N PHE A 83 -2.13 13.14 3.90
CA PHE A 83 -3.30 12.35 4.21
C PHE A 83 -3.14 11.08 3.36
N GLY A 84 -3.66 9.94 3.81
CA GLY A 84 -3.46 8.69 3.10
C GLY A 84 -3.28 7.63 4.16
N SER A 85 -2.66 6.52 3.78
CA SER A 85 -2.46 5.43 4.73
C SER A 85 -0.99 5.27 5.08
N TYR A 86 -0.79 4.81 6.32
CA TYR A 86 0.53 4.61 6.92
C TYR A 86 0.66 3.18 7.40
N TYR A 87 1.74 2.49 7.10
CA TYR A 87 1.92 1.12 7.51
C TYR A 87 3.25 0.96 8.19
N CYS A 88 3.29 0.23 9.30
CA CYS A 88 4.58 -0.12 9.86
C CYS A 88 4.83 -1.56 9.42
N GLN A 89 6.11 -1.97 9.35
CA GLN A 89 6.56 -3.34 9.05
C GLN A 89 7.73 -3.73 10.00
N HIS A 90 7.76 -4.88 10.74
CA HIS A 90 8.97 -5.21 11.55
C HIS A 90 9.93 -5.90 10.63
N PHE A 91 11.21 -5.95 10.96
CA PHE A 91 12.22 -6.63 10.17
C PHE A 91 13.10 -7.56 11.00
N TRP A 92 12.65 -7.97 12.19
CA TRP A 92 13.38 -8.91 13.02
C TRP A 92 13.14 -10.35 12.53
N SER A 93 14.08 -10.97 11.83
CA SER A 93 13.97 -12.31 11.28
C SER A 93 12.83 -12.39 10.24
N THR A 94 12.65 -13.51 9.56
CA THR A 94 11.50 -13.67 8.71
C THR A 94 10.55 -14.52 9.53
N PRO A 95 9.23 -14.51 9.36
CA PRO A 95 8.52 -13.69 8.41
C PRO A 95 8.31 -12.27 8.93
N ARG A 96 8.27 -11.33 7.99
CA ARG A 96 7.98 -9.96 8.36
C ARG A 96 6.47 -9.78 8.38
N THR A 97 5.90 -8.85 9.10
CA THR A 97 4.49 -8.68 9.10
C THR A 97 4.31 -7.17 9.11
N PHE A 98 3.22 -6.68 8.50
CA PHE A 98 2.92 -5.25 8.51
C PHE A 98 1.86 -5.00 9.53
N GLY A 99 1.63 -3.79 10.03
CA GLY A 99 0.46 -3.53 10.84
C GLY A 99 -0.71 -3.38 9.86
N GLY A 100 -1.90 -3.14 10.41
CA GLY A 100 -3.16 -2.99 9.65
C GLY A 100 -3.28 -1.76 8.77
N GLY A 101 -2.77 -0.61 9.18
CA GLY A 101 -2.85 0.63 8.40
C GLY A 101 -3.48 1.71 9.24
N THR A 102 -3.19 2.97 8.98
CA THR A 102 -3.90 4.06 9.63
C THR A 102 -4.15 4.96 8.45
N LYS A 103 -5.44 5.30 8.34
CA LYS A 103 -5.95 6.14 7.26
C LYS A 103 -6.12 7.47 7.92
N LEU A 104 -5.30 8.40 7.48
CA LEU A 104 -5.34 9.77 7.98
C LEU A 104 -6.18 10.51 6.96
N GLU A 105 -7.22 11.15 7.48
CA GLU A 105 -8.28 11.77 6.72
C GLU A 105 -8.58 13.20 7.20
N ILE A 106 -8.98 14.11 6.28
CA ILE A 106 -9.19 15.53 6.58
C ILE A 106 -10.48 15.81 7.27
N LYS A 107 -10.27 16.28 8.48
CA LYS A 107 -11.35 16.72 9.35
C LYS A 107 -11.95 17.95 8.70
N ARG A 108 -13.28 17.97 8.73
CA ARG A 108 -14.08 19.08 8.23
C ARG A 108 -15.37 19.19 9.04
N ALA A 109 -16.25 20.10 8.63
CA ALA A 109 -17.48 20.35 9.34
C ALA A 109 -18.54 19.28 9.14
N ASP A 110 -19.39 19.17 10.14
CA ASP A 110 -20.51 18.26 10.06
C ASP A 110 -21.38 18.56 8.84
N ALA A 111 -21.96 17.53 8.23
CA ALA A 111 -22.79 17.67 7.05
C ALA A 111 -23.77 16.53 6.91
N ALA A 112 -24.98 16.88 6.52
CA ALA A 112 -26.04 15.93 6.27
C ALA A 112 -26.03 15.51 4.79
N PRO A 113 -26.47 14.29 4.44
CA PRO A 113 -26.53 13.84 3.06
C PRO A 113 -27.66 14.42 2.21
N THR A 114 -27.53 14.43 0.88
CA THR A 114 -28.63 14.79 0.00
C THR A 114 -29.14 13.41 -0.42
N VAL A 115 -30.20 12.87 0.22
CA VAL A 115 -30.68 11.52 -0.09
C VAL A 115 -31.50 11.56 -1.37
N SER A 116 -31.51 10.58 -2.24
CA SER A 116 -32.30 10.62 -3.45
C SER A 116 -32.70 9.20 -3.81
N ILE A 117 -33.97 8.78 -3.73
CA ILE A 117 -34.35 7.43 -4.12
C ILE A 117 -34.78 7.49 -5.59
N PHE A 118 -34.59 6.40 -6.33
CA PHE A 118 -34.88 6.32 -7.75
C PHE A 118 -35.67 5.05 -7.95
N PRO A 119 -36.85 5.10 -8.58
CA PRO A 119 -37.67 3.95 -9.00
C PRO A 119 -36.98 3.14 -10.09
N PRO A 120 -37.26 1.90 -10.32
CA PRO A 120 -36.57 1.10 -11.34
C PRO A 120 -36.65 1.64 -12.75
N SER A 121 -35.69 1.49 -13.65
CA SER A 121 -35.88 1.98 -15.00
C SER A 121 -36.85 1.08 -15.73
N SER A 122 -37.69 1.56 -16.64
CA SER A 122 -38.62 0.72 -17.38
C SER A 122 -37.85 -0.32 -18.18
N GLU A 123 -36.72 0.05 -18.79
CA GLU A 123 -35.94 -0.92 -19.53
C GLU A 123 -35.50 -2.10 -18.68
N GLN A 124 -35.41 -1.91 -17.37
CA GLN A 124 -35.01 -2.98 -16.48
C GLN A 124 -36.24 -3.88 -16.25
N LEU A 125 -37.38 -3.30 -15.85
CA LEU A 125 -38.62 -4.04 -15.59
C LEU A 125 -38.98 -4.90 -16.78
N THR A 126 -38.77 -4.39 -17.98
CA THR A 126 -38.88 -5.15 -19.22
C THR A 126 -38.09 -6.46 -19.13
N SER A 127 -36.86 -6.39 -18.65
CA SER A 127 -36.06 -7.57 -18.49
C SER A 127 -36.52 -8.35 -17.27
N GLY A 128 -37.31 -7.76 -16.38
CA GLY A 128 -37.83 -8.50 -15.25
C GLY A 128 -37.03 -8.36 -13.96
N GLY A 129 -36.13 -7.39 -13.86
CA GLY A 129 -35.40 -7.23 -12.63
C GLY A 129 -35.80 -5.92 -12.05
N ALA A 130 -35.62 -5.61 -10.78
CA ALA A 130 -36.01 -4.31 -10.30
C ALA A 130 -35.01 -3.76 -9.30
N SER A 131 -34.18 -2.77 -9.63
CA SER A 131 -33.30 -2.25 -8.61
C SER A 131 -33.83 -0.91 -8.23
N VAL A 132 -34.20 -0.67 -6.98
CA VAL A 132 -34.54 0.65 -6.47
C VAL A 132 -33.19 1.28 -6.06
N VAL A 133 -32.70 2.48 -6.46
CA VAL A 133 -31.37 2.97 -6.05
C VAL A 133 -31.53 4.12 -5.10
N CYS A 134 -30.58 4.36 -4.21
CA CYS A 134 -30.68 5.43 -3.23
C CYS A 134 -29.29 6.04 -3.13
N PHE A 135 -29.16 7.32 -3.43
CA PHE A 135 -27.90 8.00 -3.37
C PHE A 135 -27.96 8.84 -2.12
N LEU A 136 -26.91 8.77 -1.30
CA LEU A 136 -26.78 9.58 -0.10
C LEU A 136 -25.47 10.33 -0.37
N ASN A 137 -25.60 11.54 -0.91
CA ASN A 137 -24.43 12.26 -1.34
C ASN A 137 -24.00 13.35 -0.40
N ASN A 138 -22.72 13.63 -0.53
CA ASN A 138 -21.95 14.66 0.17
C ASN A 138 -22.13 14.94 1.67
N PHE A 139 -22.03 13.91 2.52
CA PHE A 139 -22.19 14.08 3.96
C PHE A 139 -20.86 14.05 4.69
N TYR A 140 -20.85 14.39 5.98
CA TYR A 140 -19.68 14.27 6.84
C TYR A 140 -20.21 14.20 8.27
N PRO A 141 -19.75 13.38 9.23
CA PRO A 141 -18.73 12.35 9.08
C PRO A 141 -19.10 11.14 8.19
N LYS A 142 -18.24 10.13 8.10
CA LYS A 142 -18.51 8.97 7.27
C LYS A 142 -19.55 8.03 7.86
N ASP A 143 -19.86 8.12 9.13
CA ASP A 143 -20.76 7.14 9.72
C ASP A 143 -22.19 7.48 9.38
N ILE A 144 -22.93 6.51 8.84
CA ILE A 144 -24.30 6.68 8.42
C ILE A 144 -24.96 5.31 8.23
N ASN A 145 -26.10 5.00 8.84
CA ASN A 145 -26.75 3.73 8.56
C ASN A 145 -27.97 3.99 7.72
N VAL A 146 -28.00 3.21 6.66
CA VAL A 146 -29.00 3.32 5.65
C VAL A 146 -29.88 2.11 5.87
N LYS A 147 -31.22 2.18 5.81
CA LYS A 147 -32.05 0.98 5.91
C LYS A 147 -33.28 1.12 5.00
N TRP A 148 -33.59 0.02 4.29
CA TRP A 148 -34.67 -0.10 3.32
C TRP A 148 -35.95 -0.64 3.90
N LYS A 149 -37.12 -0.20 3.44
CA LYS A 149 -38.38 -0.59 4.02
C LYS A 149 -39.47 -0.74 2.97
N ILE A 150 -39.89 -1.99 2.77
CA ILE A 150 -40.93 -2.28 1.80
C ILE A 150 -42.26 -2.40 2.55
N ASP A 151 -43.20 -1.48 2.30
CA ASP A 151 -44.53 -1.46 2.90
C ASP A 151 -44.53 -1.54 4.41
N GLY A 152 -43.72 -0.67 4.98
CA GLY A 152 -43.65 -0.58 6.42
C GLY A 152 -42.68 -1.57 7.05
N SER A 153 -42.36 -2.71 6.45
CA SER A 153 -41.40 -3.59 7.08
C SER A 153 -39.99 -3.30 6.56
N GLU A 154 -39.00 -3.38 7.43
CA GLU A 154 -37.62 -3.22 7.03
C GLU A 154 -37.17 -4.47 6.30
N ARG A 155 -36.20 -4.28 5.42
CA ARG A 155 -35.62 -5.34 4.63
C ARG A 155 -34.10 -5.16 4.68
N GLN A 156 -33.51 -6.36 4.79
CA GLN A 156 -32.08 -6.58 4.85
C GLN A 156 -31.58 -7.43 3.69
N ASN A 157 -32.35 -8.42 3.25
CA ASN A 157 -31.89 -9.25 2.15
C ASN A 157 -31.96 -8.42 0.87
N GLY A 158 -30.95 -8.47 -0.01
CA GLY A 158 -30.97 -7.78 -1.30
C GLY A 158 -30.24 -6.43 -1.38
N VAL A 159 -30.00 -5.74 -0.24
CA VAL A 159 -29.34 -4.44 -0.17
C VAL A 159 -27.87 -4.54 -0.55
N LEU A 160 -27.31 -3.55 -1.26
CA LEU A 160 -25.92 -3.55 -1.69
C LEU A 160 -25.36 -2.13 -1.61
N ASN A 161 -24.33 -1.85 -0.81
CA ASN A 161 -23.85 -0.50 -0.57
C ASN A 161 -22.50 -0.20 -1.18
N SER A 162 -22.05 1.06 -1.32
CA SER A 162 -20.69 1.37 -1.81
C SER A 162 -20.41 2.78 -1.33
N TRP A 163 -19.17 3.10 -0.92
CA TRP A 163 -18.84 4.44 -0.43
C TRP A 163 -17.75 4.98 -1.31
N THR A 164 -17.61 6.28 -1.38
CA THR A 164 -16.48 6.79 -2.10
C THR A 164 -15.43 7.13 -1.06
N ASP A 165 -14.22 7.29 -1.59
CA ASP A 165 -13.12 7.77 -0.78
C ASP A 165 -13.45 9.22 -0.46
N GLN A 166 -12.98 9.82 0.64
CA GLN A 166 -13.23 11.22 0.96
C GLN A 166 -12.91 12.12 -0.23
N ASP A 167 -13.82 13.05 -0.48
CA ASP A 167 -13.67 13.93 -1.63
C ASP A 167 -12.50 14.90 -1.54
N SER A 168 -11.83 14.96 -2.68
CA SER A 168 -10.67 15.80 -2.93
C SER A 168 -10.94 17.27 -2.67
N LYS A 169 -12.14 17.69 -3.10
CA LYS A 169 -12.66 19.01 -2.83
C LYS A 169 -13.69 18.77 -1.74
N ASP A 170 -13.94 19.74 -0.88
CA ASP A 170 -14.92 19.68 0.20
C ASP A 170 -15.03 18.47 1.12
N SER A 171 -14.18 17.47 0.93
CA SER A 171 -13.97 16.33 1.83
C SER A 171 -15.15 15.61 2.48
N THR A 172 -16.05 15.32 1.59
CA THR A 172 -17.28 14.67 1.98
C THR A 172 -17.27 13.23 1.50
N TYR A 173 -18.26 12.46 1.94
CA TYR A 173 -18.46 11.08 1.54
C TYR A 173 -19.79 10.94 0.83
N SER A 174 -19.91 10.00 -0.08
CA SER A 174 -21.16 9.75 -0.75
C SER A 174 -21.29 8.22 -0.81
N MET A 175 -22.54 7.78 -0.80
CA MET A 175 -22.82 6.38 -0.70
C MET A 175 -24.01 5.94 -1.52
N SER A 176 -23.90 4.87 -2.30
CA SER A 176 -25.02 4.37 -3.05
C SER A 176 -25.54 3.17 -2.29
N SER A 177 -26.83 2.89 -2.28
CA SER A 177 -27.37 1.65 -1.73
C SER A 177 -28.33 1.13 -2.81
N THR A 178 -28.40 -0.16 -3.09
CA THR A 178 -29.30 -0.67 -4.11
C THR A 178 -30.07 -1.87 -3.56
N LEU A 179 -31.40 -1.81 -3.49
CA LEU A 179 -32.17 -2.98 -3.16
C LEU A 179 -32.55 -3.62 -4.48
N THR A 180 -32.13 -4.84 -4.76
CA THR A 180 -32.57 -5.48 -5.99
C THR A 180 -33.72 -6.42 -5.63
N LEU A 181 -34.74 -6.50 -6.49
CA LEU A 181 -35.88 -7.40 -6.36
C LEU A 181 -36.12 -7.86 -7.76
N THR A 182 -37.04 -8.78 -7.89
CA THR A 182 -37.46 -9.26 -9.19
C THR A 182 -38.64 -8.39 -9.63
N LYS A 183 -38.96 -8.30 -10.92
CA LYS A 183 -40.09 -7.47 -11.35
C LYS A 183 -41.34 -7.88 -10.60
N ASP A 184 -41.47 -9.20 -10.55
CA ASP A 184 -42.55 -9.87 -9.90
C ASP A 184 -42.75 -9.44 -8.47
N GLU A 185 -41.72 -9.56 -7.64
CA GLU A 185 -41.92 -9.27 -6.24
C GLU A 185 -42.17 -7.80 -5.99
N TYR A 186 -41.57 -7.00 -6.87
CA TYR A 186 -41.68 -5.55 -6.88
C TYR A 186 -43.13 -5.10 -7.05
N GLU A 187 -43.81 -5.59 -8.09
CA GLU A 187 -45.21 -5.26 -8.33
C GLU A 187 -46.14 -5.81 -7.28
N ARG A 188 -45.63 -6.64 -6.37
CA ARG A 188 -46.42 -7.14 -5.27
C ARG A 188 -46.33 -6.17 -4.11
N HIS A 189 -45.72 -4.99 -4.21
CA HIS A 189 -45.62 -4.12 -3.06
C HIS A 189 -45.88 -2.68 -3.41
N ASN A 190 -45.73 -1.69 -2.54
CA ASN A 190 -46.17 -0.37 -2.93
C ASN A 190 -45.27 0.78 -2.56
N SER A 191 -45.03 1.09 -1.29
CA SER A 191 -44.04 2.08 -0.90
C SER A 191 -42.65 1.45 -0.78
N TYR A 192 -41.66 2.27 -1.12
CA TYR A 192 -40.27 1.86 -1.08
C TYR A 192 -39.58 2.94 -0.29
N THR A 193 -39.10 2.67 0.92
CA THR A 193 -38.38 3.68 1.69
C THR A 193 -36.86 3.51 1.77
N CYS A 194 -36.12 4.60 1.86
CA CYS A 194 -34.68 4.61 1.98
C CYS A 194 -34.60 5.44 3.24
N GLU A 195 -34.09 4.86 4.32
CA GLU A 195 -34.02 5.57 5.59
C GLU A 195 -32.55 5.71 5.98
N ALA A 196 -32.23 6.91 6.46
CA ALA A 196 -30.87 7.22 6.79
C ALA A 196 -30.73 7.82 8.18
N THR A 197 -29.77 7.33 9.00
CA THR A 197 -29.48 7.89 10.31
C THR A 197 -28.02 8.37 10.30
N HIS A 198 -27.76 9.61 10.68
CA HIS A 198 -26.42 10.13 10.61
C HIS A 198 -26.32 11.30 11.54
N LYS A 199 -25.48 11.24 12.57
CA LYS A 199 -25.17 12.29 13.54
C LYS A 199 -26.02 13.59 13.62
N THR A 200 -26.09 14.39 12.55
CA THR A 200 -26.90 15.59 12.46
C THR A 200 -28.41 15.31 12.72
N SER A 201 -28.86 14.10 12.41
CA SER A 201 -30.24 13.67 12.52
C SER A 201 -30.68 13.24 13.92
N THR A 202 -31.62 14.06 14.36
CA THR A 202 -32.39 13.90 15.57
C THR A 202 -33.21 12.61 15.47
N SER A 203 -33.83 12.54 14.29
CA SER A 203 -34.70 11.50 13.82
C SER A 203 -34.33 11.41 12.34
N PRO A 204 -34.39 10.24 11.70
CA PRO A 204 -33.71 9.96 10.44
C PRO A 204 -34.17 10.77 9.24
N ILE A 205 -33.36 10.80 8.18
CA ILE A 205 -33.76 11.41 6.95
C ILE A 205 -34.45 10.26 6.26
N VAL A 206 -35.68 10.50 5.79
CA VAL A 206 -36.52 9.46 5.19
C VAL A 206 -36.80 9.81 3.74
N LYS A 207 -36.89 8.84 2.82
CA LYS A 207 -37.14 9.12 1.43
C LYS A 207 -37.96 7.99 0.87
N SER A 208 -39.14 8.29 0.34
CA SER A 208 -40.07 7.26 -0.08
C SER A 208 -40.58 7.50 -1.48
N PHE A 209 -41.03 6.44 -2.09
CA PHE A 209 -41.75 6.56 -3.32
C PHE A 209 -42.82 5.51 -3.22
N ASN A 210 -43.87 5.65 -4.02
CA ASN A 210 -44.92 4.66 -4.09
C ASN A 210 -45.05 4.29 -5.56
N ARG A 211 -45.29 3.04 -5.86
CA ARG A 211 -45.33 2.55 -7.21
C ARG A 211 -46.43 3.11 -8.08
N ASN A 212 -47.51 3.58 -7.47
CA ASN A 212 -48.68 4.08 -8.17
C ASN A 212 -48.63 5.56 -8.48
N GLU A 213 -47.72 6.28 -7.83
CA GLU A 213 -47.53 7.71 -8.06
C GLU A 213 -46.52 7.87 -9.19
N CYS A 214 -46.14 9.01 -9.76
CA CYS A 214 -45.19 8.99 -10.86
C CYS A 214 -44.28 10.19 -10.90
N GLN B 1 19.39 4.14 -11.87
CA GLN B 1 18.06 4.56 -11.51
C GLN B 1 17.30 3.23 -11.35
N VAL B 2 16.80 2.99 -10.14
CA VAL B 2 16.23 1.70 -9.80
C VAL B 2 14.77 1.62 -10.14
N GLN B 3 14.52 0.55 -10.89
CA GLN B 3 13.22 0.23 -11.41
C GLN B 3 12.81 -1.22 -11.15
N LEU B 4 11.56 -1.43 -10.71
CA LEU B 4 10.97 -2.75 -10.54
C LEU B 4 9.59 -2.82 -11.22
N LYS B 5 9.48 -3.66 -12.24
CA LYS B 5 8.24 -3.81 -12.95
C LYS B 5 7.76 -5.25 -12.96
N GLU B 6 6.54 -5.45 -12.47
CA GLU B 6 5.91 -6.74 -12.44
C GLU B 6 4.89 -6.97 -13.55
N SER B 7 4.75 -8.21 -14.03
CA SER B 7 3.91 -8.58 -15.17
C SER B 7 3.13 -9.83 -14.80
N GLY B 8 1.83 -9.81 -14.64
CA GLY B 8 1.07 -11.03 -14.38
C GLY B 8 0.05 -11.37 -15.48
N PRO B 9 -0.87 -12.31 -15.31
CA PRO B 9 -1.80 -12.69 -16.32
C PRO B 9 -3.15 -12.00 -16.07
N GLY B 10 -3.35 -11.06 -15.14
CA GLY B 10 -4.61 -10.32 -15.05
C GLY B 10 -5.83 -11.04 -14.46
N LEU B 11 -6.33 -12.10 -15.09
CA LEU B 11 -7.49 -12.84 -14.59
C LEU B 11 -7.07 -14.30 -14.61
N VAL B 12 -7.50 -15.09 -13.67
CA VAL B 12 -7.12 -16.49 -13.66
C VAL B 12 -8.28 -17.15 -12.90
N ALA B 13 -8.50 -18.43 -13.22
CA ALA B 13 -9.59 -19.22 -12.67
C ALA B 13 -9.23 -19.81 -11.33
N PRO B 14 -10.13 -20.04 -10.38
CA PRO B 14 -9.81 -20.64 -9.10
C PRO B 14 -9.19 -21.99 -9.33
N SER B 15 -8.35 -22.29 -8.35
CA SER B 15 -7.59 -23.52 -8.26
C SER B 15 -6.57 -23.77 -9.33
N GLN B 16 -6.28 -22.84 -10.22
CA GLN B 16 -5.16 -23.07 -11.10
C GLN B 16 -3.88 -22.43 -10.55
N SER B 17 -2.77 -22.32 -11.29
CA SER B 17 -1.57 -21.74 -10.71
C SER B 17 -1.22 -20.47 -11.43
N LEU B 18 -0.57 -19.58 -10.68
CA LEU B 18 -0.23 -18.24 -11.09
C LEU B 18 1.26 -17.92 -11.20
N SER B 19 1.88 -17.54 -12.31
CA SER B 19 3.24 -17.07 -12.21
C SER B 19 3.28 -15.57 -12.52
N ILE B 20 3.83 -14.72 -11.67
CA ILE B 20 4.01 -13.29 -11.90
C ILE B 20 5.52 -13.04 -12.09
N THR B 21 6.05 -12.38 -13.10
CA THR B 21 7.46 -12.00 -13.14
C THR B 21 7.68 -10.59 -12.57
N CYS B 22 8.86 -10.22 -12.04
CA CYS B 22 9.17 -8.89 -11.56
C CYS B 22 10.52 -8.66 -12.16
N THR B 23 10.63 -7.85 -13.21
CA THR B 23 11.92 -7.59 -13.83
C THR B 23 12.52 -6.34 -13.18
N VAL B 24 13.81 -6.31 -12.90
CA VAL B 24 14.43 -5.20 -12.19
C VAL B 24 15.51 -4.63 -13.06
N SER B 25 15.76 -3.34 -12.84
CA SER B 25 16.80 -2.67 -13.56
C SER B 25 17.35 -1.62 -12.65
N GLY B 26 18.67 -1.52 -12.66
CA GLY B 26 19.33 -0.51 -11.86
C GLY B 26 20.13 -1.05 -10.72
N PHE B 27 20.02 -2.32 -10.36
CA PHE B 27 20.85 -2.94 -9.34
C PHE B 27 21.04 -4.37 -9.78
N SER B 28 22.08 -5.10 -9.31
CA SER B 28 22.22 -6.53 -9.60
C SER B 28 21.51 -7.38 -8.54
N LEU B 29 20.86 -8.47 -8.98
CA LEU B 29 20.08 -9.31 -8.08
C LEU B 29 20.89 -10.06 -7.03
N THR B 30 22.16 -10.22 -7.34
CA THR B 30 23.13 -10.77 -6.42
C THR B 30 23.27 -9.92 -5.15
N GLY B 31 23.10 -8.60 -5.23
CA GLY B 31 23.41 -7.75 -4.10
C GLY B 31 22.26 -7.29 -3.25
N TYR B 32 21.01 -7.61 -3.58
CA TYR B 32 19.86 -7.10 -2.83
C TYR B 32 18.80 -8.18 -2.80
N GLY B 33 18.02 -8.27 -1.73
CA GLY B 33 16.90 -9.18 -1.80
C GLY B 33 15.66 -8.51 -2.43
N VAL B 34 14.74 -9.28 -3.01
CA VAL B 34 13.51 -8.71 -3.49
C VAL B 34 12.35 -9.32 -2.70
N ASN B 35 11.46 -8.54 -2.12
CA ASN B 35 10.24 -9.03 -1.47
C ASN B 35 9.00 -9.10 -2.38
N TRP B 36 7.92 -9.80 -1.97
CA TRP B 36 6.67 -9.85 -2.68
C TRP B 36 5.68 -9.51 -1.59
N VAL B 37 4.87 -8.48 -1.81
CA VAL B 37 3.89 -7.98 -0.84
C VAL B 37 2.55 -8.00 -1.56
N ARG B 38 1.38 -7.94 -0.93
CA ARG B 38 0.19 -7.87 -1.78
C ARG B 38 -0.85 -7.16 -0.98
N GLN B 39 -1.78 -6.52 -1.68
CA GLN B 39 -2.83 -5.80 -0.99
C GLN B 39 -4.20 -6.18 -1.52
N PRO B 40 -5.04 -6.85 -0.74
CA PRO B 40 -6.40 -7.14 -1.15
C PRO B 40 -7.15 -5.81 -1.28
N PRO B 41 -8.12 -5.65 -2.21
CA PRO B 41 -8.87 -4.43 -2.42
C PRO B 41 -9.54 -4.01 -1.14
N GLY B 42 -9.03 -2.85 -0.73
CA GLY B 42 -9.48 -2.20 0.48
C GLY B 42 -8.95 -2.85 1.74
N LYS B 43 -7.82 -3.56 1.68
CA LYS B 43 -7.23 -4.15 2.85
C LYS B 43 -5.79 -3.73 2.93
N GLY B 44 -5.16 -4.02 4.07
CA GLY B 44 -3.76 -3.67 4.33
C GLY B 44 -2.78 -4.43 3.46
N LEU B 45 -1.51 -4.17 3.72
CA LEU B 45 -0.49 -4.83 2.91
C LEU B 45 -0.26 -6.19 3.57
N GLU B 46 0.16 -7.25 2.86
CA GLU B 46 0.44 -8.57 3.43
C GLU B 46 1.71 -9.10 2.79
N TRP B 47 2.65 -9.59 3.64
CA TRP B 47 3.97 -10.01 3.17
C TRP B 47 3.84 -11.45 2.68
N LEU B 48 4.37 -11.74 1.53
CA LEU B 48 4.22 -13.06 0.99
C LEU B 48 5.52 -13.81 1.16
N GLY B 49 6.67 -13.26 0.77
CA GLY B 49 7.92 -13.96 0.94
C GLY B 49 9.06 -13.13 0.39
N MET B 50 10.28 -13.66 0.27
CA MET B 50 11.41 -12.93 -0.26
C MET B 50 12.46 -13.86 -0.78
N ILE B 51 13.36 -13.42 -1.62
CA ILE B 51 14.50 -14.21 -1.98
C ILE B 51 15.73 -13.29 -1.75
N TRP B 52 16.65 -13.63 -0.85
CA TRP B 52 17.85 -12.86 -0.55
C TRP B 52 18.81 -12.85 -1.73
N GLY B 53 19.89 -12.03 -1.69
CA GLY B 53 20.84 -11.93 -2.77
C GLY B 53 21.51 -13.27 -3.02
N ASP B 54 21.76 -13.99 -1.90
CA ASP B 54 22.31 -15.34 -2.05
C ASP B 54 21.33 -16.47 -2.43
N GLY B 55 20.08 -16.20 -2.83
CA GLY B 55 19.16 -17.24 -3.29
C GLY B 55 18.34 -17.92 -2.20
N ASN B 56 18.56 -17.64 -0.91
CA ASN B 56 17.76 -18.28 0.13
C ASN B 56 16.40 -17.63 0.07
N THR B 57 15.28 -18.28 0.35
CA THR B 57 13.95 -17.72 0.21
C THR B 57 13.23 -17.82 1.53
N ASP B 58 12.36 -16.91 1.94
CA ASP B 58 11.60 -17.07 3.16
C ASP B 58 10.14 -16.84 2.82
N TYR B 59 9.13 -17.27 3.57
CA TYR B 59 7.73 -17.18 3.18
C TYR B 59 6.84 -16.86 4.35
N ASN B 60 5.64 -16.41 4.04
CA ASN B 60 4.60 -16.16 5.01
C ASN B 60 4.30 -17.53 5.63
N SER B 61 4.26 -17.71 6.96
CA SER B 61 3.92 -19.01 7.58
C SER B 61 2.72 -19.68 6.92
N ALA B 62 1.59 -18.99 6.94
CA ALA B 62 0.39 -19.56 6.39
C ALA B 62 0.35 -19.74 4.88
N LEU B 63 1.22 -19.25 3.98
CA LEU B 63 0.98 -19.51 2.55
C LEU B 63 2.10 -20.32 1.96
N LYS B 64 2.98 -20.72 2.90
CA LYS B 64 4.19 -21.45 2.63
C LYS B 64 4.01 -22.61 1.66
N SER B 65 2.92 -23.39 1.79
CA SER B 65 2.63 -24.55 0.92
C SER B 65 2.23 -24.22 -0.53
N ARG B 66 1.76 -22.98 -0.71
CA ARG B 66 1.29 -22.51 -2.00
C ARG B 66 2.23 -21.60 -2.74
N LEU B 67 3.11 -20.88 -2.00
CA LEU B 67 4.03 -19.95 -2.64
C LEU B 67 5.32 -20.63 -2.98
N SER B 68 6.02 -20.22 -4.01
CA SER B 68 7.31 -20.75 -4.30
C SER B 68 8.01 -19.57 -4.96
N ILE B 69 9.16 -19.04 -4.51
CA ILE B 69 9.85 -17.94 -5.18
C ILE B 69 11.18 -18.32 -5.80
N SER B 70 11.64 -17.76 -6.91
CA SER B 70 12.92 -18.11 -7.50
C SER B 70 13.40 -16.91 -8.33
N LYS B 71 14.49 -16.91 -9.09
CA LYS B 71 14.96 -15.74 -9.83
C LYS B 71 15.99 -16.14 -10.83
N ASP B 72 16.21 -15.39 -11.88
CA ASP B 72 17.27 -15.70 -12.80
C ASP B 72 18.07 -14.42 -12.69
N ASN B 73 19.26 -14.50 -12.09
CA ASN B 73 20.12 -13.32 -11.94
C ASN B 73 20.51 -12.59 -13.19
N SER B 74 20.90 -13.36 -14.22
CA SER B 74 21.34 -12.85 -15.53
C SER B 74 20.31 -11.93 -16.14
N LYS B 75 19.11 -12.48 -16.15
CA LYS B 75 17.92 -11.91 -16.71
C LYS B 75 17.38 -10.76 -15.89
N SER B 76 17.89 -10.48 -14.70
CA SER B 76 17.26 -9.54 -13.77
C SER B 76 15.79 -9.89 -13.48
N GLN B 77 15.45 -11.17 -13.33
CA GLN B 77 14.07 -11.56 -13.07
C GLN B 77 13.74 -12.37 -11.83
N VAL B 78 12.85 -11.93 -10.96
CA VAL B 78 12.36 -12.71 -9.83
C VAL B 78 11.00 -13.25 -10.28
N PHE B 79 10.55 -14.39 -9.77
CA PHE B 79 9.35 -15.05 -10.20
C PHE B 79 8.52 -15.41 -9.02
N LEU B 80 7.21 -15.19 -8.99
CA LEU B 80 6.37 -15.67 -7.91
C LEU B 80 5.38 -16.68 -8.52
N LYS B 81 5.19 -17.84 -7.89
CA LYS B 81 4.25 -18.83 -8.35
C LYS B 81 3.37 -19.13 -7.16
N MET B 82 2.06 -19.00 -7.36
CA MET B 82 1.08 -19.40 -6.36
C MET B 82 0.36 -20.58 -6.97
N ASN B 83 -0.28 -21.40 -6.14
CA ASN B 83 -0.92 -22.64 -6.56
C ASN B 83 -2.21 -22.67 -5.73
N SER B 84 -3.16 -23.55 -6.09
CA SER B 84 -4.41 -23.71 -5.32
C SER B 84 -5.11 -22.39 -4.99
N LEU B 85 -5.18 -21.59 -6.07
CA LEU B 85 -5.72 -20.25 -6.01
C LEU B 85 -7.15 -20.24 -5.55
N HIS B 86 -7.50 -19.23 -4.80
CA HIS B 86 -8.85 -19.10 -4.26
C HIS B 86 -9.20 -17.68 -4.64
N THR B 87 -10.48 -17.37 -4.61
CA THR B 87 -10.92 -16.05 -5.01
C THR B 87 -10.31 -14.99 -4.10
N ASP B 88 -9.87 -15.42 -2.92
CA ASP B 88 -9.21 -14.57 -1.95
C ASP B 88 -7.86 -14.03 -2.37
N ASP B 89 -7.21 -14.51 -3.41
CA ASP B 89 -5.91 -13.98 -3.82
C ASP B 89 -6.15 -12.96 -4.94
N THR B 90 -7.20 -12.20 -4.76
CA THR B 90 -7.57 -11.22 -5.73
C THR B 90 -7.02 -10.05 -4.96
N ALA B 91 -6.07 -9.45 -5.67
CA ALA B 91 -5.29 -8.40 -5.09
C ALA B 91 -4.31 -7.81 -6.07
N ARG B 92 -3.66 -6.75 -5.61
CA ARG B 92 -2.57 -6.14 -6.34
C ARG B 92 -1.30 -6.71 -5.69
N TYR B 93 -0.45 -7.23 -6.57
CA TYR B 93 0.77 -7.91 -6.23
C TYR B 93 1.97 -7.06 -6.58
N TYR B 94 2.76 -6.67 -5.58
CA TYR B 94 3.97 -5.87 -5.79
C TYR B 94 5.24 -6.60 -5.44
N CYS B 95 6.31 -6.28 -6.16
CA CYS B 95 7.61 -6.70 -5.70
C CYS B 95 8.30 -5.43 -5.28
N ALA B 96 9.17 -5.52 -4.28
CA ALA B 96 9.92 -4.42 -3.67
C ALA B 96 11.39 -4.79 -3.56
N ARG B 97 12.30 -3.83 -3.68
CA ARG B 97 13.70 -4.07 -3.38
C ARG B 97 13.91 -3.96 -1.88
N GLU B 98 14.76 -4.83 -1.35
CA GLU B 98 15.17 -4.74 0.07
C GLU B 98 16.63 -4.34 0.09
N ARG B 99 16.90 -3.28 0.85
CA ARG B 99 18.26 -2.82 0.99
C ARG B 99 18.41 -2.47 2.45
N ASP B 100 19.00 -3.47 3.10
CA ASP B 100 19.31 -3.48 4.50
C ASP B 100 18.19 -3.16 5.46
N TYR B 101 17.27 -4.12 5.38
CA TYR B 101 16.12 -4.14 6.26
C TYR B 101 15.13 -2.97 6.16
N ARG B 102 14.83 -2.62 4.91
CA ARG B 102 13.79 -1.68 4.49
C ARG B 102 13.70 -1.92 2.99
N LEU B 103 12.42 -1.86 2.66
CA LEU B 103 12.00 -2.09 1.27
C LEU B 103 12.01 -0.69 0.70
N ASP B 104 12.96 -0.44 -0.16
CA ASP B 104 13.16 0.95 -0.48
C ASP B 104 12.71 1.30 -1.88
N TYR B 105 12.63 0.39 -2.81
CA TYR B 105 12.13 0.76 -4.09
C TYR B 105 11.01 -0.19 -4.37
N TRP B 106 9.74 0.22 -4.49
CA TRP B 106 8.69 -0.72 -4.89
C TRP B 106 8.33 -0.63 -6.39
N GLY B 107 7.74 -1.67 -6.99
CA GLY B 107 7.25 -1.61 -8.38
C GLY B 107 5.86 -1.03 -8.36
N GLN B 108 5.20 -0.88 -9.52
CA GLN B 108 3.84 -0.33 -9.56
C GLN B 108 2.72 -1.22 -9.08
N GLY B 109 2.88 -2.51 -9.28
CA GLY B 109 1.86 -3.47 -8.88
C GLY B 109 1.28 -4.08 -10.14
N THR B 110 0.60 -5.22 -10.03
CA THR B 110 -0.12 -5.84 -11.12
C THR B 110 -1.38 -6.29 -10.40
N THR B 111 -2.55 -6.13 -11.01
CA THR B 111 -3.75 -6.61 -10.35
C THR B 111 -3.98 -8.02 -10.84
N LEU B 112 -4.42 -8.86 -9.91
CA LEU B 112 -4.81 -10.20 -10.24
C LEU B 112 -6.22 -10.40 -9.70
N THR B 113 -7.07 -10.88 -10.62
CA THR B 113 -8.43 -11.24 -10.20
C THR B 113 -8.61 -12.74 -10.45
N VAL B 114 -9.16 -13.39 -9.44
CA VAL B 114 -9.31 -14.81 -9.50
C VAL B 114 -10.80 -15.02 -9.56
N SER B 115 -11.22 -15.43 -10.77
CA SER B 115 -12.63 -15.67 -10.99
C SER B 115 -12.80 -16.64 -12.12
N SER B 116 -13.91 -17.28 -11.88
CA SER B 116 -14.55 -18.25 -12.76
C SER B 116 -15.40 -17.56 -13.86
N ALA B 117 -15.84 -16.31 -13.64
CA ALA B 117 -16.71 -15.58 -14.56
C ALA B 117 -16.22 -15.34 -15.99
N SER B 118 -17.14 -15.24 -16.95
CA SER B 118 -16.76 -14.99 -18.34
C SER B 118 -17.12 -13.54 -18.72
N THR B 119 -16.51 -12.96 -19.78
CA THR B 119 -16.73 -11.58 -20.13
C THR B 119 -18.18 -11.30 -20.45
N THR B 120 -18.75 -10.43 -19.63
CA THR B 120 -20.13 -10.04 -19.72
C THR B 120 -20.17 -8.52 -19.86
N PRO B 121 -20.77 -7.99 -20.95
CA PRO B 121 -21.00 -6.57 -21.19
C PRO B 121 -22.08 -6.06 -20.28
N PRO B 122 -22.00 -4.82 -19.81
CA PRO B 122 -22.95 -4.29 -18.85
C PRO B 122 -24.34 -4.02 -19.42
N SER B 123 -25.23 -3.63 -18.52
CA SER B 123 -26.56 -3.22 -18.80
C SER B 123 -26.61 -1.86 -18.15
N VAL B 124 -26.76 -0.80 -18.94
CA VAL B 124 -26.81 0.57 -18.42
C VAL B 124 -28.29 0.91 -18.34
N PHE B 125 -28.81 1.33 -17.21
CA PHE B 125 -30.20 1.63 -17.08
C PHE B 125 -30.27 3.05 -16.59
N PRO B 126 -30.78 3.98 -17.38
CA PRO B 126 -30.93 5.38 -17.01
C PRO B 126 -31.73 5.53 -15.75
N LEU B 127 -31.35 6.31 -14.78
CA LEU B 127 -32.17 6.47 -13.60
C LEU B 127 -32.75 7.89 -13.65
N ALA B 128 -34.05 8.09 -13.75
CA ALA B 128 -34.62 9.42 -13.86
C ALA B 128 -35.28 9.62 -12.54
N PRO B 129 -35.50 10.83 -12.08
CA PRO B 129 -36.21 11.08 -10.85
C PRO B 129 -37.66 10.72 -11.03
N GLY B 130 -38.31 10.19 -9.98
CA GLY B 130 -39.76 10.13 -9.91
C GLY B 130 -40.19 11.61 -10.01
N SER B 131 -41.33 12.00 -10.54
CA SER B 131 -41.58 13.39 -10.82
C SER B 131 -42.03 14.21 -9.62
N ALA B 132 -40.96 14.44 -8.86
CA ALA B 132 -40.92 15.15 -7.60
C ALA B 132 -40.40 16.55 -7.89
N ALA B 133 -40.95 17.52 -7.14
CA ALA B 133 -40.70 18.95 -7.33
C ALA B 133 -39.25 19.43 -7.52
N GLN B 134 -38.87 19.16 -8.75
CA GLN B 134 -37.59 19.50 -9.32
C GLN B 134 -37.73 20.92 -9.86
N THR B 135 -38.14 21.79 -8.95
CA THR B 135 -38.32 23.23 -9.13
C THR B 135 -37.63 23.75 -7.87
N ASN B 136 -36.38 23.33 -7.81
CA ASN B 136 -35.47 23.60 -6.72
C ASN B 136 -34.13 23.44 -7.38
N SER B 137 -33.29 24.38 -6.99
CA SER B 137 -31.92 24.58 -7.44
C SER B 137 -31.30 23.45 -8.25
N MET B 138 -31.17 22.26 -7.67
CA MET B 138 -30.49 21.16 -8.33
C MET B 138 -31.29 19.88 -8.34
N VAL B 139 -30.94 19.05 -9.32
CA VAL B 139 -31.48 17.74 -9.53
C VAL B 139 -30.33 16.77 -9.79
N THR B 140 -30.54 15.57 -9.23
CA THR B 140 -29.61 14.47 -9.29
C THR B 140 -30.18 13.35 -10.17
N LEU B 141 -29.33 12.90 -11.08
CA LEU B 141 -29.68 11.92 -12.10
C LEU B 141 -28.66 10.80 -12.00
N GLY B 142 -28.88 9.61 -12.55
CA GLY B 142 -27.88 8.59 -12.49
C GLY B 142 -27.93 7.65 -13.67
N CYS B 143 -27.07 6.66 -13.62
CA CYS B 143 -26.98 5.53 -14.53
C CYS B 143 -26.60 4.36 -13.66
N LEU B 144 -27.22 3.21 -13.81
CA LEU B 144 -26.90 2.01 -13.06
C LEU B 144 -26.21 1.14 -14.10
N VAL B 145 -24.93 0.79 -13.84
CA VAL B 145 -24.13 -0.02 -14.76
C VAL B 145 -24.18 -1.38 -14.10
N LYS B 146 -24.94 -2.33 -14.63
CA LYS B 146 -25.17 -3.59 -13.96
C LYS B 146 -24.78 -4.81 -14.76
N GLY B 147 -24.26 -5.82 -14.06
CA GLY B 147 -23.92 -7.11 -14.61
C GLY B 147 -22.67 -7.18 -15.44
N TYR B 148 -21.53 -6.54 -15.22
CA TYR B 148 -20.42 -6.84 -16.14
C TYR B 148 -19.29 -7.61 -15.47
N PHE B 149 -18.35 -8.04 -16.32
CA PHE B 149 -17.15 -8.76 -15.91
C PHE B 149 -16.21 -8.73 -17.13
N PRO B 150 -14.92 -8.42 -17.09
CA PRO B 150 -14.18 -7.99 -15.89
C PRO B 150 -14.26 -6.52 -15.66
N GLU B 151 -13.71 -6.03 -14.54
CA GLU B 151 -13.56 -4.60 -14.35
C GLU B 151 -12.49 -4.14 -15.35
N PRO B 152 -12.33 -2.86 -15.66
CA PRO B 152 -13.20 -1.77 -15.24
C PRO B 152 -14.30 -1.45 -16.28
N VAL B 153 -15.05 -0.42 -15.93
CA VAL B 153 -16.00 0.20 -16.85
C VAL B 153 -15.66 1.71 -16.76
N THR B 154 -15.74 2.49 -17.81
CA THR B 154 -15.49 3.91 -17.69
C THR B 154 -16.84 4.61 -17.73
N VAL B 155 -17.17 5.60 -16.89
CA VAL B 155 -18.46 6.29 -16.91
C VAL B 155 -18.23 7.80 -17.01
N THR B 156 -18.44 8.38 -18.20
CA THR B 156 -18.37 9.83 -18.38
C THR B 156 -19.78 10.35 -18.56
N TRP B 157 -20.12 11.51 -18.02
CA TRP B 157 -21.38 12.13 -18.38
C TRP B 157 -21.17 13.12 -19.51
N ASN B 158 -22.04 13.01 -20.51
CA ASN B 158 -22.10 13.90 -21.65
C ASN B 158 -20.78 13.96 -22.31
N SER B 159 -20.24 12.83 -22.73
CA SER B 159 -18.94 12.78 -23.38
C SER B 159 -17.85 13.56 -22.64
N GLY B 160 -18.05 13.59 -21.32
CA GLY B 160 -17.13 14.17 -20.38
C GLY B 160 -17.21 15.66 -20.35
N SER B 161 -18.23 16.28 -20.89
CA SER B 161 -18.31 17.71 -20.79
C SER B 161 -18.86 18.05 -19.42
N LEU B 162 -19.60 17.13 -18.82
CA LEU B 162 -20.16 17.37 -17.49
C LEU B 162 -19.25 16.58 -16.55
N SER B 163 -18.62 17.31 -15.65
CA SER B 163 -17.60 16.76 -14.77
C SER B 163 -17.85 17.08 -13.31
N SER B 164 -18.45 18.22 -13.06
CA SER B 164 -18.68 18.61 -11.69
C SER B 164 -20.02 18.00 -11.30
N GLY B 165 -20.20 17.61 -10.04
CA GLY B 165 -21.42 16.95 -9.57
C GLY B 165 -21.37 15.42 -9.71
N VAL B 166 -20.42 14.93 -10.51
CA VAL B 166 -20.29 13.53 -10.77
C VAL B 166 -19.84 12.78 -9.52
N HIS B 167 -20.30 11.56 -9.35
CA HIS B 167 -19.90 10.73 -8.23
C HIS B 167 -19.90 9.33 -8.76
N THR B 168 -18.86 8.77 -9.35
CA THR B 168 -18.94 7.37 -9.70
C THR B 168 -18.62 6.58 -8.41
N PHE B 169 -19.47 5.64 -8.00
CA PHE B 169 -19.26 4.87 -6.80
C PHE B 169 -18.54 3.61 -7.24
N PRO B 170 -17.61 3.07 -6.46
CA PRO B 170 -16.89 1.85 -6.84
C PRO B 170 -17.75 0.57 -6.94
N ALA B 171 -17.40 -0.27 -7.90
CA ALA B 171 -18.23 -1.42 -8.20
C ALA B 171 -18.26 -2.48 -7.16
N VAL B 172 -19.44 -2.95 -6.82
CA VAL B 172 -19.57 -4.05 -5.89
C VAL B 172 -19.88 -5.31 -6.66
N LEU B 173 -19.42 -6.42 -6.12
CA LEU B 173 -19.58 -7.71 -6.74
C LEU B 173 -20.75 -8.35 -6.06
N GLN B 174 -21.55 -8.99 -6.90
CA GLN B 174 -22.67 -9.73 -6.41
C GLN B 174 -22.40 -11.19 -6.79
N SER B 175 -22.89 -11.76 -7.89
CA SER B 175 -22.66 -13.17 -8.10
C SER B 175 -21.82 -13.41 -9.32
N ASP B 176 -20.53 -13.23 -9.08
CA ASP B 176 -19.48 -13.24 -10.09
C ASP B 176 -19.47 -11.92 -10.84
N LEU B 177 -20.59 -11.20 -10.94
CA LEU B 177 -20.65 -10.00 -11.75
C LEU B 177 -20.68 -8.75 -10.89
N TYR B 178 -20.16 -7.67 -11.51
CA TYR B 178 -20.11 -6.29 -10.96
C TYR B 178 -21.29 -5.36 -11.29
N THR B 179 -21.52 -4.42 -10.38
CA THR B 179 -22.51 -3.38 -10.44
C THR B 179 -21.93 -2.07 -9.89
N LEU B 180 -22.17 -1.00 -10.63
CA LEU B 180 -21.63 0.34 -10.40
C LEU B 180 -22.75 1.38 -10.57
N SER B 181 -22.56 2.60 -10.11
CA SER B 181 -23.52 3.67 -10.26
C SER B 181 -22.77 4.97 -10.48
N SER B 182 -23.39 6.05 -10.96
CA SER B 182 -22.83 7.39 -10.92
C SER B 182 -24.00 8.27 -10.68
N SER B 183 -23.92 9.26 -9.81
CA SER B 183 -24.94 10.29 -9.77
C SER B 183 -24.31 11.52 -10.44
N VAL B 184 -25.13 12.49 -10.88
CA VAL B 184 -24.70 13.79 -11.36
C VAL B 184 -25.74 14.78 -10.92
N THR B 185 -25.26 15.98 -10.55
CA THR B 185 -26.10 17.07 -10.10
C THR B 185 -25.90 18.26 -11.02
N VAL B 186 -27.04 18.58 -11.62
CA VAL B 186 -27.24 19.66 -12.56
C VAL B 186 -28.33 20.53 -11.93
N PRO B 187 -28.46 21.83 -12.21
CA PRO B 187 -29.62 22.62 -11.80
C PRO B 187 -30.89 22.38 -12.63
N SER B 188 -32.10 22.65 -12.09
CA SER B 188 -33.38 22.42 -12.80
C SER B 188 -33.35 23.01 -14.22
N SER B 189 -32.65 24.14 -14.31
CA SER B 189 -32.42 24.88 -15.52
C SER B 189 -31.69 24.11 -16.61
N PRO B 190 -30.59 23.35 -16.45
CA PRO B 190 -30.23 22.28 -17.37
C PRO B 190 -31.24 21.15 -17.66
N ARG B 191 -32.16 20.74 -16.79
CA ARG B 191 -32.85 19.47 -17.01
C ARG B 191 -34.37 19.56 -16.95
N PRO B 192 -35.17 19.04 -17.89
CA PRO B 192 -34.74 18.28 -19.06
C PRO B 192 -34.58 19.07 -20.33
N SER B 193 -34.36 20.34 -20.11
CA SER B 193 -34.24 21.35 -21.11
C SER B 193 -33.08 20.90 -22.00
N GLU B 194 -31.87 20.85 -21.47
CA GLU B 194 -30.74 20.30 -22.19
C GLU B 194 -30.71 18.83 -21.86
N THR B 195 -29.95 18.05 -22.61
CA THR B 195 -29.86 16.64 -22.33
C THR B 195 -28.58 16.30 -21.55
N VAL B 196 -28.69 15.19 -20.80
CA VAL B 196 -27.62 14.66 -19.99
C VAL B 196 -27.55 13.20 -20.43
N THR B 197 -26.40 12.69 -20.77
CA THR B 197 -26.34 11.31 -21.19
C THR B 197 -25.30 10.56 -20.40
N CYS B 198 -25.45 9.33 -19.90
CA CYS B 198 -24.25 8.67 -19.40
C CYS B 198 -23.72 7.80 -20.50
N ASN B 199 -22.41 7.86 -20.62
CA ASN B 199 -21.73 7.14 -21.68
C ASN B 199 -20.95 6.08 -20.93
N VAL B 200 -20.93 4.82 -21.35
CA VAL B 200 -20.27 3.75 -20.63
C VAL B 200 -19.49 2.85 -21.55
N ALA B 201 -18.18 2.70 -21.33
CA ALA B 201 -17.44 1.75 -22.16
C ALA B 201 -16.94 0.67 -21.23
N HIS B 202 -16.90 -0.52 -21.75
CA HIS B 202 -16.43 -1.68 -21.04
C HIS B 202 -15.52 -2.28 -22.09
N PRO B 203 -14.26 -1.84 -22.10
CA PRO B 203 -13.26 -2.19 -23.11
C PRO B 203 -13.15 -3.66 -23.46
N ALA B 204 -13.15 -4.49 -22.40
CA ALA B 204 -13.13 -5.94 -22.47
C ALA B 204 -14.16 -6.53 -23.42
N SER B 205 -15.41 -6.06 -23.46
CA SER B 205 -16.36 -6.66 -24.37
C SER B 205 -16.56 -5.81 -25.61
N SER B 206 -15.77 -4.72 -25.70
CA SER B 206 -15.85 -3.74 -26.77
C SER B 206 -17.29 -3.24 -26.87
N THR B 207 -17.71 -2.68 -25.76
CA THR B 207 -19.08 -2.24 -25.60
C THR B 207 -19.07 -0.77 -25.22
N LYS B 208 -19.78 0.05 -26.02
CA LYS B 208 -20.02 1.45 -25.67
C LYS B 208 -21.52 1.56 -25.69
N VAL B 209 -22.06 2.24 -24.68
CA VAL B 209 -23.48 2.43 -24.47
C VAL B 209 -23.68 3.83 -23.94
N ASP B 210 -24.67 4.57 -24.43
CA ASP B 210 -24.99 5.89 -23.94
C ASP B 210 -26.48 5.82 -23.72
N LYS B 211 -26.96 6.38 -22.63
CA LYS B 211 -28.37 6.39 -22.32
C LYS B 211 -28.73 7.84 -22.05
N LYS B 212 -29.73 8.45 -22.71
CA LYS B 212 -30.04 9.84 -22.47
C LYS B 212 -30.90 9.86 -21.21
N ILE B 213 -30.75 10.66 -20.18
CA ILE B 213 -31.68 10.58 -19.06
C ILE B 213 -32.88 11.48 -19.41
N VAL B 214 -34.00 10.77 -19.48
CA VAL B 214 -35.31 11.23 -19.88
C VAL B 214 -36.26 11.16 -18.70
N PRO B 215 -37.15 12.14 -18.54
CA PRO B 215 -38.07 12.19 -17.41
C PRO B 215 -39.19 11.14 -17.37
N ARG B 216 -39.73 10.91 -16.17
CA ARG B 216 -40.68 9.85 -15.93
C ARG B 216 -42.11 10.20 -16.30
N ASP B 217 -42.78 9.10 -16.60
CA ASP B 217 -44.07 9.11 -17.25
C ASP B 217 -45.36 8.77 -16.50
N CYS B 218 -46.36 9.63 -16.79
CA CYS B 218 -47.78 9.57 -16.40
C CYS B 218 -48.54 10.82 -16.93
N LYS C 1 44.05 -9.39 19.34
CA LYS C 1 43.01 -10.09 20.08
C LYS C 1 42.16 -10.81 19.05
N VAL C 2 41.46 -11.89 19.39
CA VAL C 2 40.49 -12.46 18.46
C VAL C 2 39.20 -12.23 19.23
N PHE C 3 38.22 -11.57 18.63
CA PHE C 3 36.96 -11.32 19.27
C PHE C 3 36.02 -12.48 19.01
N GLY C 4 34.98 -12.42 19.84
CA GLY C 4 33.83 -13.27 19.63
C GLY C 4 32.80 -12.43 18.91
N ARG C 5 31.92 -13.05 18.08
CA ARG C 5 30.81 -12.42 17.34
C ARG C 5 30.03 -11.43 18.16
N CYS C 6 29.39 -11.84 19.23
CA CYS C 6 28.66 -10.88 20.01
C CYS C 6 29.54 -9.94 20.79
N GLU C 7 30.76 -10.32 21.09
CA GLU C 7 31.62 -9.45 21.88
C GLU C 7 31.92 -8.25 20.99
N LEU C 8 32.30 -8.53 19.74
CA LEU C 8 32.62 -7.50 18.77
C LEU C 8 31.39 -6.68 18.50
N ALA C 9 30.23 -7.33 18.26
CA ALA C 9 28.99 -6.64 17.98
C ALA C 9 28.78 -5.61 19.06
N ALA C 10 28.89 -5.95 20.33
CA ALA C 10 28.62 -4.94 21.33
C ALA C 10 29.63 -3.80 21.36
N ALA C 11 30.86 -4.04 20.93
CA ALA C 11 31.83 -2.97 20.99
C ALA C 11 31.65 -2.02 19.80
N MET C 12 31.36 -2.55 18.57
CA MET C 12 31.12 -1.73 17.40
C MET C 12 29.90 -0.92 17.77
N LYS C 13 28.91 -1.50 18.38
CA LYS C 13 27.79 -0.72 18.86
C LYS C 13 28.25 0.34 19.85
N ARG C 14 29.10 0.11 20.84
CA ARG C 14 29.53 1.17 21.76
C ARG C 14 30.18 2.32 21.00
N HIS C 15 30.84 2.07 19.86
CA HIS C 15 31.53 3.12 19.11
C HIS C 15 30.66 3.78 18.07
N GLY C 16 29.36 3.53 18.05
CA GLY C 16 28.46 4.15 17.10
C GLY C 16 28.42 3.57 15.70
N LEU C 17 28.75 2.31 15.45
CA LEU C 17 28.63 1.83 14.09
C LEU C 17 27.25 1.29 13.74
N ASP C 18 26.29 1.23 14.70
CA ASP C 18 24.97 0.71 14.36
C ASP C 18 24.24 1.76 13.56
N ASN C 19 24.05 1.49 12.25
CA ASN C 19 23.33 2.36 11.33
C ASN C 19 24.16 3.58 10.91
N TYR C 20 25.48 3.44 10.93
CA TYR C 20 26.33 4.55 10.62
C TYR C 20 26.28 4.58 9.11
N ARG C 21 25.75 5.74 8.64
CA ARG C 21 25.49 6.05 7.24
C ARG C 21 24.53 4.99 6.68
N GLY C 22 23.56 4.58 7.54
CA GLY C 22 22.50 3.59 7.27
C GLY C 22 22.92 2.14 7.05
N TYR C 23 24.05 1.68 7.61
CA TYR C 23 24.46 0.29 7.48
C TYR C 23 24.17 -0.33 8.81
N SER C 24 23.34 -1.38 8.83
CA SER C 24 22.97 -1.96 10.12
C SER C 24 24.22 -2.70 10.65
N LEU C 25 24.29 -2.79 11.99
CA LEU C 25 25.39 -3.37 12.72
C LEU C 25 25.96 -4.70 12.19
N GLY C 26 25.07 -5.63 11.91
CA GLY C 26 25.44 -6.89 11.32
C GLY C 26 26.31 -6.73 10.10
N ASN C 27 26.31 -5.57 9.42
CA ASN C 27 27.13 -5.35 8.24
C ASN C 27 28.61 -5.25 8.58
N TRP C 28 28.83 -4.64 9.76
CA TRP C 28 30.13 -4.42 10.33
C TRP C 28 30.72 -5.72 10.89
N VAL C 29 29.92 -6.43 11.73
CA VAL C 29 30.33 -7.72 12.26
C VAL C 29 30.64 -8.64 11.10
N CYS C 30 29.76 -8.82 10.17
CA CYS C 30 30.06 -9.65 9.02
C CYS C 30 31.35 -9.25 8.29
N ALA C 31 31.70 -7.97 8.12
CA ALA C 31 32.92 -7.59 7.39
C ALA C 31 34.19 -7.83 8.22
N ALA C 32 34.19 -7.56 9.55
CA ALA C 32 35.26 -7.94 10.45
C ALA C 32 35.57 -9.41 10.26
N LYS C 33 34.53 -10.27 10.28
CA LYS C 33 34.66 -11.70 10.08
C LYS C 33 35.23 -12.04 8.74
N PHE C 34 34.77 -11.61 7.57
CA PHE C 34 35.46 -12.08 6.37
C PHE C 34 36.74 -11.30 6.08
N GLU C 35 37.06 -10.19 6.76
CA GLU C 35 38.32 -9.47 6.53
C GLU C 35 39.47 -9.96 7.38
N SER C 36 39.27 -9.95 8.69
CA SER C 36 40.31 -10.31 9.60
C SER C 36 40.09 -11.60 10.34
N ASN C 37 38.92 -12.19 10.20
CA ASN C 37 38.43 -13.33 10.98
C ASN C 37 38.44 -12.90 12.44
N PHE C 38 37.98 -11.69 12.69
CA PHE C 38 37.88 -11.11 14.02
C PHE C 38 39.17 -10.91 14.80
N ASN C 39 40.29 -10.95 14.10
CA ASN C 39 41.56 -10.79 14.75
C ASN C 39 42.20 -9.41 14.60
N THR C 40 42.23 -8.69 15.70
CA THR C 40 42.78 -7.37 15.65
C THR C 40 44.22 -7.30 15.23
N GLN C 41 45.06 -8.32 15.33
CA GLN C 41 46.44 -8.10 14.90
C GLN C 41 46.66 -8.54 13.48
N ALA C 42 45.57 -8.66 12.74
CA ALA C 42 45.67 -9.12 11.36
C ALA C 42 46.37 -8.09 10.47
N THR C 43 47.23 -8.56 9.61
CA THR C 43 48.02 -7.71 8.77
C THR C 43 48.18 -8.46 7.48
N ASN C 44 47.93 -7.90 6.29
CA ASN C 44 48.08 -8.69 5.06
C ASN C 44 48.69 -7.85 3.98
N ARG C 45 49.89 -8.22 3.56
CA ARG C 45 50.62 -7.52 2.52
C ARG C 45 49.87 -7.77 1.23
N ASN C 46 49.78 -6.73 0.40
CA ASN C 46 49.00 -6.80 -0.82
C ASN C 46 49.93 -6.60 -1.96
N THR C 47 49.61 -7.23 -3.08
CA THR C 47 50.43 -7.21 -4.28
C THR C 47 51.00 -5.85 -4.71
N ASP C 48 50.30 -4.78 -4.39
CA ASP C 48 50.77 -3.45 -4.76
C ASP C 48 51.81 -2.87 -3.79
N GLY C 49 52.23 -3.67 -2.82
CA GLY C 49 53.17 -3.20 -1.86
C GLY C 49 52.52 -2.42 -0.73
N SER C 50 51.22 -2.53 -0.56
CA SER C 50 50.67 -1.90 0.61
C SER C 50 50.27 -3.04 1.53
N THR C 51 49.92 -2.72 2.77
CA THR C 51 49.48 -3.72 3.72
C THR C 51 48.12 -3.32 4.30
N ASP C 52 47.23 -4.33 4.48
CA ASP C 52 45.98 -4.17 5.18
C ASP C 52 46.18 -4.45 6.65
N TYR C 53 45.61 -3.63 7.53
CA TYR C 53 45.84 -3.65 8.95
C TYR C 53 44.59 -3.77 9.83
N GLY C 54 44.73 -4.55 10.90
CA GLY C 54 43.72 -4.68 11.91
C GLY C 54 42.51 -5.49 11.51
N ILE C 55 41.52 -5.37 12.40
CA ILE C 55 40.25 -6.04 12.26
C ILE C 55 39.43 -5.65 11.03
N LEU C 56 39.41 -4.38 10.56
CA LEU C 56 38.68 -4.09 9.33
C LEU C 56 39.58 -3.99 8.13
N GLN C 57 40.82 -4.48 8.20
CA GLN C 57 41.77 -4.48 7.09
C GLN C 57 41.98 -3.19 6.30
N ILE C 58 42.19 -2.10 7.08
CA ILE C 58 42.37 -0.76 6.51
C ILE C 58 43.75 -0.66 5.86
N ASN C 59 43.78 -0.17 4.64
CA ASN C 59 44.96 -0.17 3.80
C ASN C 59 45.85 1.05 3.87
N SER C 60 47.15 0.85 4.07
CA SER C 60 48.19 1.86 4.18
C SER C 60 48.45 2.82 2.98
N ARG C 61 48.03 2.47 1.75
CA ARG C 61 48.14 3.34 0.57
C ARG C 61 47.20 4.53 0.62
N TRP C 62 46.09 4.47 1.32
CA TRP C 62 45.17 5.57 1.32
C TRP C 62 44.88 6.00 2.70
N TRP C 63 44.77 5.06 3.62
CA TRP C 63 44.18 5.40 4.89
C TRP C 63 45.08 5.60 6.11
N CYS C 64 46.24 4.98 6.13
CA CYS C 64 47.13 5.13 7.27
C CYS C 64 48.56 5.16 6.73
N ASN C 65 49.54 5.76 7.39
CA ASN C 65 50.91 5.62 6.90
C ASN C 65 51.63 4.69 7.87
N ASP C 66 52.38 3.81 7.22
CA ASP C 66 53.22 2.82 7.89
C ASP C 66 54.69 2.99 7.52
N GLY C 67 55.08 4.09 6.88
CA GLY C 67 56.46 4.21 6.42
C GLY C 67 56.63 3.41 5.14
N ARG C 68 56.55 2.09 5.13
CA ARG C 68 56.84 1.36 3.92
C ARG C 68 55.95 1.60 2.69
N THR C 69 54.95 2.51 2.59
CA THR C 69 54.09 2.51 1.37
C THR C 69 54.16 3.64 0.34
N PRO C 70 54.45 3.32 -0.94
CA PRO C 70 54.64 4.27 -2.04
C PRO C 70 53.40 5.05 -2.43
N GLY C 71 53.24 6.26 -1.89
CA GLY C 71 52.10 7.08 -2.24
C GLY C 71 51.14 7.27 -1.10
N SER C 72 51.51 6.95 0.14
CA SER C 72 50.59 7.10 1.25
C SER C 72 49.99 8.50 1.39
N ARG C 73 48.74 8.55 0.96
CA ARG C 73 47.90 9.69 1.19
C ARG C 73 47.55 9.77 2.68
N ASN C 74 47.62 8.74 3.52
CA ASN C 74 47.23 8.78 4.93
C ASN C 74 45.98 9.61 5.35
N LEU C 75 44.90 9.40 4.60
CA LEU C 75 43.65 10.16 4.77
C LEU C 75 43.01 10.06 6.13
N CYS C 76 43.32 9.05 6.94
CA CYS C 76 42.75 9.00 8.27
C CYS C 76 43.71 9.65 9.23
N ASN C 77 44.93 10.01 8.78
CA ASN C 77 45.93 10.72 9.57
C ASN C 77 46.32 9.82 10.73
N ILE C 78 46.59 8.56 10.41
CA ILE C 78 46.82 7.64 11.47
C ILE C 78 48.00 6.82 11.08
N PRO C 79 48.84 6.54 12.06
CA PRO C 79 49.85 5.51 11.95
C PRO C 79 49.18 4.13 11.77
N CYS C 80 49.45 3.34 10.69
CA CYS C 80 48.83 2.03 10.53
C CYS C 80 48.97 1.10 11.75
N SER C 81 50.05 1.21 12.52
CA SER C 81 50.23 0.46 13.74
C SER C 81 49.14 0.80 14.74
N ALA C 82 48.55 2.00 14.72
CA ALA C 82 47.43 2.33 15.62
C ALA C 82 46.25 1.39 15.36
N LEU C 83 46.18 0.84 14.14
CA LEU C 83 45.11 -0.08 13.81
C LEU C 83 45.39 -1.50 14.26
N LEU C 84 46.54 -1.86 14.82
CA LEU C 84 46.74 -3.21 15.28
C LEU C 84 46.51 -3.29 16.76
N SER C 85 45.85 -2.30 17.38
CA SER C 85 45.51 -2.40 18.79
C SER C 85 44.43 -3.43 19.12
N SER C 86 43.95 -3.50 20.35
CA SER C 86 42.84 -4.34 20.73
C SER C 86 41.70 -3.47 21.24
N ASP C 87 41.93 -2.16 21.15
CA ASP C 87 40.91 -1.15 21.41
C ASP C 87 40.52 -0.73 20.00
N ILE C 88 39.28 -1.00 19.61
CA ILE C 88 38.90 -0.75 18.23
C ILE C 88 38.67 0.71 17.87
N THR C 89 38.61 1.64 18.83
CA THR C 89 38.42 3.06 18.58
C THR C 89 39.08 3.59 17.32
N ALA C 90 40.38 3.58 17.13
CA ALA C 90 40.94 4.10 15.88
C ALA C 90 40.65 3.36 14.57
N SER C 91 40.28 2.10 14.62
CA SER C 91 39.98 1.36 13.41
C SER C 91 38.54 1.70 12.97
N VAL C 92 37.66 1.89 13.97
CA VAL C 92 36.29 2.32 13.78
C VAL C 92 36.33 3.75 13.22
N ASN C 93 36.88 4.76 13.91
CA ASN C 93 36.96 6.14 13.43
C ASN C 93 37.45 6.30 12.00
N CYS C 94 38.39 5.48 11.53
CA CYS C 94 38.85 5.58 10.15
C CYS C 94 37.82 4.83 9.32
N ALA C 95 37.16 3.78 9.83
CA ALA C 95 36.13 3.11 9.03
C ALA C 95 35.03 4.12 8.76
N LYS C 96 34.71 4.95 9.74
CA LYS C 96 33.73 6.00 9.53
C LYS C 96 34.14 6.97 8.41
N LYS C 97 35.42 7.24 8.17
CA LYS C 97 35.80 8.14 7.11
C LYS C 97 35.81 7.34 5.82
N ILE C 98 36.08 6.05 5.80
CA ILE C 98 36.09 5.29 4.55
C ILE C 98 34.65 5.15 4.00
N VAL C 99 33.71 4.83 4.89
CA VAL C 99 32.31 4.59 4.55
C VAL C 99 31.58 5.91 4.28
N SER C 100 32.10 7.09 4.65
CA SER C 100 31.45 8.32 4.24
C SER C 100 31.92 8.78 2.86
N ASP C 101 32.96 8.21 2.22
CA ASP C 101 33.33 8.53 0.83
C ASP C 101 32.27 7.93 -0.10
N GLY C 102 32.54 7.93 -1.40
CA GLY C 102 31.59 7.44 -2.39
C GLY C 102 31.01 6.03 -2.24
N ASN C 103 31.84 4.99 -2.23
CA ASN C 103 31.29 3.64 -2.31
C ASN C 103 30.73 2.96 -1.09
N GLY C 104 30.49 3.69 -0.03
CA GLY C 104 30.07 3.14 1.23
C GLY C 104 30.95 1.96 1.60
N MET C 105 30.23 0.89 1.96
CA MET C 105 30.88 -0.32 2.38
C MET C 105 31.49 -1.11 1.29
N ASN C 106 31.19 -0.81 0.02
CA ASN C 106 31.85 -1.56 -1.05
C ASN C 106 33.37 -1.40 -1.07
N ALA C 107 33.89 -0.49 -0.22
CA ALA C 107 35.32 -0.30 -0.08
C ALA C 107 35.96 -1.63 0.31
N TRP C 108 35.33 -2.33 1.25
CA TRP C 108 35.80 -3.60 1.75
C TRP C 108 35.46 -4.75 0.81
N VAL C 109 36.34 -5.36 0.03
CA VAL C 109 35.90 -6.43 -0.90
C VAL C 109 35.19 -7.64 -0.30
N ALA C 110 35.64 -8.07 0.87
CA ALA C 110 35.05 -9.21 1.54
C ALA C 110 33.62 -8.91 1.91
N TRP C 111 33.26 -7.66 2.24
CA TRP C 111 31.88 -7.41 2.55
C TRP C 111 31.08 -7.52 1.27
N ARG C 112 31.54 -6.98 0.15
CA ARG C 112 30.67 -7.04 -0.99
C ARG C 112 30.84 -8.31 -1.74
N ASN C 113 31.45 -9.32 -1.16
CA ASN C 113 31.47 -10.63 -1.78
C ASN C 113 30.83 -11.70 -0.92
N ARG C 114 30.73 -11.45 0.37
CA ARG C 114 30.25 -12.45 1.27
C ARG C 114 29.20 -11.91 2.17
N CYS C 115 28.90 -10.63 2.18
CA CYS C 115 27.97 -10.17 3.17
C CYS C 115 26.82 -9.42 2.56
N LYS C 116 27.12 -8.72 1.48
CA LYS C 116 26.14 -7.86 0.84
C LYS C 116 25.11 -8.80 0.24
N GLY C 117 23.84 -8.59 0.55
CA GLY C 117 22.82 -9.42 -0.02
C GLY C 117 22.59 -10.70 0.77
N THR C 118 23.09 -10.80 2.00
CA THR C 118 22.81 -11.95 2.80
C THR C 118 22.15 -11.36 4.01
N ASP C 119 21.58 -12.25 4.81
CA ASP C 119 20.96 -11.89 6.06
C ASP C 119 22.02 -11.50 7.08
N VAL C 120 22.68 -10.34 6.94
CA VAL C 120 23.76 -9.94 7.86
C VAL C 120 23.16 -9.72 9.24
N GLN C 121 21.84 -9.60 9.50
CA GLN C 121 21.35 -9.33 10.85
C GLN C 121 21.54 -10.60 11.70
N ALA C 122 21.85 -11.73 11.04
CA ALA C 122 22.14 -12.99 11.69
C ALA C 122 23.40 -12.82 12.55
N TRP C 123 24.44 -12.13 12.08
CA TRP C 123 25.63 -11.90 12.91
C TRP C 123 25.31 -11.21 14.20
N ILE C 124 24.17 -10.56 14.45
CA ILE C 124 23.95 -9.99 15.77
C ILE C 124 22.75 -10.62 16.42
N ARG C 125 21.98 -11.49 15.75
CA ARG C 125 20.86 -12.11 16.46
C ARG C 125 21.48 -13.12 17.46
N GLY C 126 21.04 -13.05 18.69
CA GLY C 126 21.65 -13.87 19.72
C GLY C 126 22.50 -13.01 20.62
N CYS C 127 23.03 -11.85 20.25
CA CYS C 127 23.86 -11.10 21.17
C CYS C 127 23.09 -10.28 22.18
N ARG C 128 23.60 -10.05 23.38
CA ARG C 128 22.98 -9.15 24.31
C ARG C 128 23.66 -7.87 23.96
N LEU C 129 22.96 -6.84 23.49
CA LEU C 129 23.50 -5.56 23.03
C LEU C 129 22.74 -4.45 23.74
#